data_2VUC
#
_entry.id   2VUC
#
_cell.length_a   52.555
_cell.length_b   72.668
_cell.length_c   54.725
_cell.angle_alpha   90.00
_cell.angle_beta   94.42
_cell.angle_gamma   90.00
#
_symmetry.space_group_name_H-M   'P 1 21 1'
#
loop_
_entity.id
_entity.type
_entity.pdbx_description
1 polymer 'FUCOSE-BINDING LECTIN PA-IIL'
2 non-polymer alpha-L-fucopyranose
3 non-polymer 'CALCIUM ION'
4 non-polymer 'SULFATE ION'
5 non-polymer '[(3E)-3-(1-hydroxyethylidene)-2,3-dihydroisoxazol-5-yl]methyl alpha-L-fucopyranoside'
6 water water
#
_entity_poly.entity_id   1
_entity_poly.type   'polypeptide(L)'
_entity_poly.pdbx_seq_one_letter_code
;ATQGVFTLPANTRFGVTAFANSSGTQTVNVLVNNETAATFSGQSTNNAVIGTQVLNSGSSGKVQVQVSVNGRPSDLVSAQ
VILTNELNFALVGSEDGTDNDYNDAVVVINWPLG
;
_entity_poly.pdbx_strand_id   A,B,C,D
#
loop_
_chem_comp.id
_chem_comp.type
_chem_comp.name
_chem_comp.formula
CA non-polymer 'CALCIUM ION' 'Ca 2'
FUC L-saccharide, alpha linking alpha-L-fucopyranose 'C6 H12 O5'
SO4 non-polymer 'SULFATE ION' 'O4 S -2'
YX0 L-saccharide '[(3E)-3-(1-hydroxyethylidene)-2,3-dihydroisoxazol-5-yl]methyl alpha-L-fucopyranoside' 'C12 H19 N O7'
#
# COMPACT_ATOMS: atom_id res chain seq x y z
N ALA A 1 -1.57 17.85 -0.08
CA ALA A 1 -0.40 17.36 0.69
C ALA A 1 0.79 17.20 -0.23
N THR A 2 1.97 17.32 0.35
CA THR A 2 3.19 17.08 -0.38
C THR A 2 3.22 15.63 -0.87
N GLN A 3 3.70 15.46 -2.10
CA GLN A 3 3.81 14.14 -2.72
C GLN A 3 5.20 14.01 -3.33
N GLY A 4 5.65 12.76 -3.48
CA GLY A 4 6.95 12.49 -4.10
C GLY A 4 8.15 12.68 -3.20
N VAL A 5 7.92 12.83 -1.90
CA VAL A 5 9.01 12.99 -0.92
C VAL A 5 9.01 11.77 0.00
N PHE A 6 10.18 11.16 0.19
CA PHE A 6 10.30 9.94 1.01
C PHE A 6 11.50 10.03 1.90
N THR A 7 11.36 9.53 3.13
CA THR A 7 12.51 9.42 4.03
C THR A 7 12.98 7.99 4.00
N LEU A 8 14.16 7.76 3.46
CA LEU A 8 14.76 6.44 3.43
C LEU A 8 15.65 6.32 4.66
N PRO A 9 16.03 5.10 5.02
CA PRO A 9 17.09 4.96 6.01
C PRO A 9 18.33 5.67 5.49
N ALA A 10 19.08 6.28 6.41
CA ALA A 10 20.28 7.04 6.04
C ALA A 10 21.31 6.14 5.38
N ASN A 11 22.08 6.70 4.45
CA ASN A 11 23.26 6.07 3.89
C ASN A 11 22.95 4.71 3.23
N THR A 12 21.78 4.62 2.60
CA THR A 12 21.32 3.35 2.04
C THR A 12 21.15 3.47 0.53
N ARG A 13 21.69 2.50 -0.20
CA ARG A 13 21.52 2.48 -1.65
C ARG A 13 20.11 2.10 -2.03
N PHE A 14 19.60 2.76 -3.06
CA PHE A 14 18.25 2.51 -3.54
C PHE A 14 18.23 2.55 -5.06
N GLY A 15 17.30 1.84 -5.65
CA GLY A 15 17.06 1.92 -7.09
C GLY A 15 15.99 2.96 -7.40
N VAL A 16 16.18 3.66 -8.52
CA VAL A 16 15.14 4.55 -9.02
C VAL A 16 14.99 4.31 -10.52
N THR A 17 13.74 4.12 -10.95
CA THR A 17 13.41 3.75 -12.35
C THR A 17 12.22 4.54 -12.77
N ALA A 18 12.27 5.12 -13.97
CA ALA A 18 11.14 5.92 -14.50
C ALA A 18 10.63 5.37 -15.81
N PHE A 19 9.31 5.42 -15.98
CA PHE A 19 8.59 4.95 -17.16
C PHE A 19 7.81 6.13 -17.74
N ALA A 20 7.61 6.17 -19.06
CA ALA A 20 6.82 7.25 -19.69
C ALA A 20 5.60 6.69 -20.42
N ASN A 21 4.50 7.44 -20.28
CA ASN A 21 3.23 7.12 -20.92
C ASN A 21 2.50 8.41 -21.29
N SER A 22 3.02 9.10 -22.30
CA SER A 22 2.46 10.40 -22.65
C SER A 22 2.99 10.83 -24.01
N SER A 23 2.24 11.70 -24.69
CA SER A 23 2.75 12.35 -25.91
C SER A 23 3.96 13.22 -25.60
N GLY A 24 4.04 13.76 -24.38
CA GLY A 24 5.09 14.72 -24.05
C GLY A 24 6.35 14.12 -23.45
N THR A 25 7.48 14.75 -23.75
CA THR A 25 8.73 14.36 -23.14
C THR A 25 8.72 14.61 -21.65
N GLN A 26 9.03 13.57 -20.89
CA GLN A 26 9.09 13.69 -19.42
C GLN A 26 10.51 13.95 -18.97
N THR A 27 10.73 14.90 -18.06
CA THR A 27 11.99 15.06 -17.36
C THR A 27 11.77 14.77 -15.89
N VAL A 28 12.50 13.78 -15.40
CA VAL A 28 12.37 13.32 -14.00
C VAL A 28 13.65 13.70 -13.27
N ASN A 29 13.50 14.49 -12.21
CA ASN A 29 14.64 14.83 -11.37
C ASN A 29 14.52 14.11 -10.04
N VAL A 30 15.62 13.48 -9.64
CA VAL A 30 15.65 12.74 -8.37
C VAL A 30 16.61 13.49 -7.46
N LEU A 31 16.09 14.02 -6.36
CA LEU A 31 16.85 14.82 -5.42
C LEU A 31 17.21 13.98 -4.21
N VAL A 32 18.45 14.12 -3.76
CA VAL A 32 18.89 13.54 -2.50
C VAL A 32 19.40 14.72 -1.68
N ASN A 33 18.87 14.88 -0.47
CA ASN A 33 19.24 16.02 0.39
C ASN A 33 19.03 17.35 -0.31
N ASN A 34 17.94 17.47 -1.06
CA ASN A 34 17.53 18.72 -1.72
C ASN A 34 18.54 19.17 -2.78
N GLU A 35 19.29 18.24 -3.35
CA GLU A 35 20.13 18.52 -4.54
C GLU A 35 19.79 17.48 -5.60
N THR A 36 19.77 17.88 -6.86
CA THR A 36 19.54 16.92 -7.92
C THR A 36 20.67 15.91 -7.99
N ALA A 37 20.34 14.63 -7.88
CA ALA A 37 21.31 13.54 -7.86
C ALA A 37 21.27 12.75 -9.15
N ALA A 38 20.13 12.74 -9.84
CA ALA A 38 19.97 12.06 -11.16
C ALA A 38 18.88 12.77 -11.93
N THR A 39 18.99 12.75 -13.25
CA THR A 39 17.95 13.25 -14.12
C THR A 39 17.74 12.24 -15.25
N PHE A 40 16.49 11.89 -15.50
CA PHE A 40 16.12 11.05 -16.62
C PHE A 40 15.21 11.83 -17.55
N SER A 41 15.23 11.52 -18.83
CA SER A 41 14.27 12.11 -19.77
C SER A 41 14.00 11.20 -20.91
N GLY A 42 12.79 11.28 -21.43
CA GLY A 42 12.43 10.55 -22.64
C GLY A 42 10.97 10.68 -22.94
N GLN A 43 10.54 10.08 -24.04
CA GLN A 43 9.16 10.13 -24.49
C GLN A 43 8.73 8.74 -24.92
N SER A 44 7.57 8.32 -24.43
CA SER A 44 7.00 7.03 -24.83
C SER A 44 5.52 7.05 -24.50
N THR A 45 4.70 6.39 -25.30
CA THR A 45 3.32 6.07 -24.94
C THR A 45 3.16 4.59 -24.66
N ASN A 46 4.29 3.89 -24.50
CA ASN A 46 4.31 2.45 -24.30
C ASN A 46 5.13 2.03 -23.08
N ASN A 47 5.17 2.87 -22.05
CA ASN A 47 5.79 2.47 -20.77
C ASN A 47 7.28 2.24 -20.87
N ALA A 48 7.96 2.84 -21.85
CA ALA A 48 9.40 2.64 -21.95
C ALA A 48 10.07 3.13 -20.68
N VAL A 49 11.12 2.41 -20.28
CA VAL A 49 12.01 2.87 -19.21
C VAL A 49 12.87 4.01 -19.76
N ILE A 50 12.68 5.19 -19.20
CA ILE A 50 13.43 6.39 -19.64
C ILE A 50 14.65 6.63 -18.79
N GLY A 51 14.80 5.90 -17.68
CA GLY A 51 16.05 5.93 -16.92
C GLY A 51 15.95 4.96 -15.77
N THR A 52 17.11 4.50 -15.32
CA THR A 52 17.19 3.67 -14.12
C THR A 52 18.58 3.85 -13.56
N GLN A 53 18.73 3.93 -12.26
CA GLN A 53 20.04 4.18 -11.63
C GLN A 53 20.00 3.73 -10.18
N VAL A 54 21.18 3.48 -9.61
CA VAL A 54 21.31 3.25 -8.18
C VAL A 54 21.92 4.50 -7.56
N LEU A 55 21.31 4.99 -6.49
CA LEU A 55 21.81 6.16 -5.74
C LEU A 55 21.94 5.82 -4.27
N ASN A 56 22.56 6.71 -3.50
CA ASN A 56 22.68 6.58 -2.05
C ASN A 56 21.79 7.63 -1.41
N SER A 57 21.01 7.22 -0.40
CA SER A 57 20.10 8.15 0.28
C SER A 57 20.82 9.23 1.09
N GLY A 58 22.11 9.02 1.34
CA GLY A 58 22.92 10.00 2.07
C GLY A 58 22.57 10.16 3.53
N SER A 59 23.19 11.16 4.17
CA SER A 59 23.13 11.27 5.60
C SER A 59 21.72 11.54 6.13
N SER A 60 20.92 12.25 5.36
CA SER A 60 19.58 12.63 5.82
C SER A 60 18.48 11.66 5.37
N GLY A 61 18.78 10.81 4.39
CA GLY A 61 17.78 9.91 3.80
C GLY A 61 16.68 10.57 3.00
N LYS A 62 16.73 11.87 2.78
CA LYS A 62 15.63 12.55 2.10
C LYS A 62 15.75 12.41 0.60
N VAL A 63 14.75 11.78 -0.01
CA VAL A 63 14.71 11.58 -1.45
C VAL A 63 13.43 12.22 -2.00
N GLN A 64 13.54 12.98 -3.07
CA GLN A 64 12.37 13.62 -3.67
C GLN A 64 12.38 13.40 -5.16
N VAL A 65 11.21 13.14 -5.71
CA VAL A 65 11.03 13.00 -7.15
C VAL A 65 10.23 14.20 -7.65
N GLN A 66 10.70 14.84 -8.72
CA GLN A 66 9.96 15.91 -9.41
C GLN A 66 9.89 15.57 -10.89
N VAL A 67 8.77 15.91 -11.51
CA VAL A 67 8.57 15.63 -12.93
C VAL A 67 8.12 16.92 -13.63
N SER A 68 8.76 17.23 -14.76
N SER A 68 8.75 17.23 -14.76
CA SER A 68 8.39 18.38 -15.60
CA SER A 68 8.35 18.37 -15.59
C SER A 68 8.12 17.91 -17.02
C SER A 68 8.12 17.92 -17.02
N VAL A 69 7.09 18.51 -17.66
CA VAL A 69 6.71 18.19 -19.03
C VAL A 69 6.26 19.49 -19.69
N ASN A 70 6.76 19.78 -20.88
CA ASN A 70 6.32 20.96 -21.64
C ASN A 70 6.55 22.24 -20.85
N GLY A 71 7.55 22.24 -19.97
CA GLY A 71 7.93 23.41 -19.22
C GLY A 71 7.22 23.63 -17.91
N ARG A 72 6.33 22.70 -17.51
CA ARG A 72 5.56 22.85 -16.27
C ARG A 72 5.67 21.60 -15.40
N PRO A 73 5.80 21.78 -14.07
CA PRO A 73 5.76 20.61 -13.18
C PRO A 73 4.44 19.85 -13.27
N SER A 74 4.56 18.54 -13.33
CA SER A 74 3.39 17.67 -13.31
C SER A 74 2.84 17.53 -11.90
N ASP A 75 1.53 17.31 -11.78
CA ASP A 75 0.93 17.01 -10.47
C ASP A 75 1.31 15.59 -10.06
N LEU A 76 1.73 15.42 -8.82
CA LEU A 76 2.22 14.10 -8.37
C LEU A 76 1.27 13.40 -7.42
N VAL A 77 1.28 12.07 -7.49
N VAL A 77 1.32 12.07 -7.45
CA VAL A 77 0.70 11.20 -6.46
CA VAL A 77 0.68 11.24 -6.44
C VAL A 77 1.78 10.25 -6.00
C VAL A 77 1.69 10.17 -6.02
N SER A 78 1.72 9.83 -4.74
CA SER A 78 2.74 8.92 -4.25
C SER A 78 2.32 8.17 -3.02
N ALA A 79 3.03 7.08 -2.71
CA ALA A 79 2.87 6.36 -1.44
C ALA A 79 4.08 5.45 -1.28
N GLN A 80 4.30 4.98 -0.04
CA GLN A 80 5.32 3.97 0.22
C GLN A 80 4.61 2.72 0.73
N VAL A 81 5.07 1.57 0.26
N VAL A 81 5.06 1.56 0.28
CA VAL A 81 4.53 0.27 0.67
CA VAL A 81 4.51 0.30 0.78
C VAL A 81 5.72 -0.57 1.17
C VAL A 81 5.66 -0.65 1.12
N ILE A 82 5.50 -1.32 2.26
CA ILE A 82 6.51 -2.24 2.79
C ILE A 82 5.90 -3.64 2.90
N LEU A 83 6.58 -4.60 2.28
CA LEU A 83 6.16 -6.00 2.29
C LEU A 83 7.05 -6.81 3.22
N THR A 84 6.40 -7.72 3.97
CA THR A 84 7.03 -8.61 4.96
C THR A 84 8.02 -7.86 5.85
N ASN A 85 7.73 -6.59 6.13
CA ASN A 85 8.57 -5.77 7.01
C ASN A 85 10.00 -5.59 6.51
N GLU A 86 10.25 -5.83 5.22
CA GLU A 86 11.60 -5.85 4.70
C GLU A 86 11.73 -5.02 3.43
N LEU A 87 10.79 -5.22 2.50
CA LEU A 87 10.97 -4.78 1.11
C LEU A 87 10.17 -3.50 0.91
N ASN A 88 10.86 -2.42 0.50
CA ASN A 88 10.24 -1.10 0.41
C ASN A 88 10.09 -0.63 -1.03
N PHE A 89 8.90 -0.09 -1.33
CA PHE A 89 8.63 0.57 -2.59
C PHE A 89 8.15 1.97 -2.31
N ALA A 90 8.77 2.97 -2.95
CA ALA A 90 8.27 4.34 -2.92
C ALA A 90 7.81 4.60 -4.35
N LEU A 91 6.53 4.91 -4.52
CA LEU A 91 5.87 4.92 -5.82
C LEU A 91 5.36 6.30 -6.14
N VAL A 92 5.58 6.73 -7.39
CA VAL A 92 5.15 8.05 -7.83
C VAL A 92 4.44 7.94 -9.16
N GLY A 93 3.28 8.58 -9.27
CA GLY A 93 2.65 8.82 -10.57
C GLY A 93 2.59 10.32 -10.78
N SER A 94 2.30 10.70 -12.02
CA SER A 94 2.33 12.12 -12.36
C SER A 94 1.41 12.37 -13.53
N GLU A 95 0.81 13.58 -13.53
CA GLU A 95 -0.14 13.98 -14.57
C GLU A 95 0.32 15.29 -15.23
N ASP A 96 0.51 15.21 -16.54
CA ASP A 96 1.00 16.36 -17.31
C ASP A 96 -0.09 17.09 -18.07
N GLY A 97 -1.32 16.59 -17.98
CA GLY A 97 -2.38 17.08 -18.86
C GLY A 97 -3.71 17.12 -18.13
N THR A 98 -4.73 16.61 -18.81
CA THR A 98 -6.11 16.80 -18.37
C THR A 98 -6.84 15.49 -18.13
N ASP A 99 -6.31 14.36 -18.61
CA ASP A 99 -7.06 13.08 -18.54
C ASP A 99 -6.98 12.37 -17.19
N ASN A 100 -6.09 12.84 -16.33
CA ASN A 100 -5.93 12.28 -14.98
C ASN A 100 -5.67 10.78 -14.94
N ASP A 101 -4.88 10.27 -15.89
CA ASP A 101 -4.43 8.90 -15.79
C ASP A 101 -3.23 8.75 -14.85
N TYR A 102 -2.54 9.85 -14.56
CA TYR A 102 -1.43 9.88 -13.62
C TYR A 102 -0.27 8.88 -13.92
N ASN A 103 -0.14 8.48 -15.19
CA ASN A 103 0.90 7.53 -15.58
C ASN A 103 1.93 8.17 -16.49
N ASP A 104 1.89 9.50 -16.62
CA ASP A 104 2.63 10.15 -17.72
C ASP A 104 4.12 9.97 -17.51
N ALA A 105 4.58 10.16 -16.26
CA ALA A 105 5.84 9.55 -15.79
C ALA A 105 5.47 8.76 -14.55
N VAL A 106 5.90 7.50 -14.49
CA VAL A 106 5.74 6.65 -13.32
C VAL A 106 7.15 6.41 -12.80
N VAL A 107 7.35 6.59 -11.49
CA VAL A 107 8.67 6.40 -10.89
C VAL A 107 8.56 5.40 -9.76
N VAL A 108 9.46 4.42 -9.78
CA VAL A 108 9.55 3.38 -8.75
C VAL A 108 10.91 3.49 -8.10
N ILE A 109 10.89 3.65 -6.77
CA ILE A 109 12.08 3.60 -5.95
C ILE A 109 11.98 2.34 -5.10
N ASN A 110 13.06 1.57 -5.06
CA ASN A 110 13.03 0.35 -4.24
C ASN A 110 14.30 0.20 -3.42
N TRP A 111 14.15 -0.36 -2.22
CA TRP A 111 15.28 -0.63 -1.34
C TRP A 111 14.83 -1.70 -0.33
N PRO A 112 15.79 -2.39 0.31
CA PRO A 112 17.23 -2.32 0.08
C PRO A 112 17.61 -3.08 -1.17
N LEU A 113 18.84 -2.86 -1.59
CA LEU A 113 19.43 -3.53 -2.75
C LEU A 113 20.41 -4.58 -2.28
N GLY A 114 20.98 -5.32 -3.22
CA GLY A 114 22.04 -6.26 -2.90
C GLY A 114 21.61 -7.66 -2.52
N ALA B 1 -0.68 -16.98 2.85
CA ALA B 1 -1.72 -16.73 1.80
C ALA B 1 -1.05 -16.75 0.41
N THR B 2 -1.81 -17.02 -0.63
CA THR B 2 -1.28 -16.96 -1.99
C THR B 2 -0.73 -15.57 -2.28
N GLN B 3 0.39 -15.55 -3.00
CA GLN B 3 1.06 -14.31 -3.34
C GLN B 3 1.45 -14.36 -4.82
N GLY B 4 1.62 -13.20 -5.43
CA GLY B 4 2.08 -13.11 -6.81
C GLY B 4 0.98 -13.31 -7.85
N VAL B 5 -0.28 -13.30 -7.42
CA VAL B 5 -1.44 -13.48 -8.31
C VAL B 5 -2.28 -12.20 -8.27
N PHE B 6 -2.60 -11.67 -9.44
CA PHE B 6 -3.35 -10.42 -9.54
C PHE B 6 -4.43 -10.54 -10.58
N THR B 7 -5.56 -9.92 -10.33
CA THR B 7 -6.60 -9.84 -11.35
C THR B 7 -6.62 -8.43 -11.90
N LEU B 8 -6.26 -8.29 -13.17
CA LEU B 8 -6.30 -7.00 -13.85
C LEU B 8 -7.61 -6.85 -14.61
N PRO B 9 -7.97 -5.61 -15.00
CA PRO B 9 -9.09 -5.46 -15.93
C PRO B 9 -8.77 -6.24 -17.19
N ALA B 10 -9.80 -6.78 -17.83
CA ALA B 10 -9.60 -7.58 -19.02
C ALA B 10 -9.11 -6.73 -20.20
N ASN B 11 -8.33 -7.37 -21.08
CA ASN B 11 -7.94 -6.78 -22.38
C ASN B 11 -7.26 -5.43 -22.21
N THR B 12 -6.38 -5.35 -21.21
CA THR B 12 -5.75 -4.10 -20.84
C THR B 12 -4.25 -4.28 -20.90
N ARG B 13 -3.56 -3.33 -21.54
CA ARG B 13 -2.10 -3.36 -21.54
C ARG B 13 -1.56 -3.02 -20.16
N PHE B 14 -0.48 -3.72 -19.79
CA PHE B 14 0.21 -3.44 -18.54
C PHE B 14 1.70 -3.60 -18.73
N GLY B 15 2.46 -2.91 -17.89
CA GLY B 15 3.92 -3.06 -17.89
C GLY B 15 4.30 -4.06 -16.82
N VAL B 16 5.35 -4.82 -17.08
CA VAL B 16 5.97 -5.68 -16.07
C VAL B 16 7.47 -5.52 -16.15
N THR B 17 8.10 -5.31 -15.01
CA THR B 17 9.54 -4.96 -14.93
C THR B 17 10.14 -5.75 -13.77
N ALA B 18 11.28 -6.38 -14.01
CA ALA B 18 11.97 -7.19 -13.00
C ALA B 18 13.38 -6.66 -12.72
N PHE B 19 13.72 -6.67 -11.45
CA PHE B 19 14.99 -6.24 -10.91
C PHE B 19 15.63 -7.41 -10.17
N ALA B 20 16.96 -7.48 -10.19
CA ALA B 20 17.70 -8.57 -9.48
C ALA B 20 18.64 -8.02 -8.44
N ASN B 21 18.67 -8.72 -7.29
CA ASN B 21 19.55 -8.37 -6.17
C ASN B 21 19.96 -9.62 -5.40
N SER B 22 20.85 -10.41 -5.96
CA SER B 22 21.22 -11.72 -5.37
C SER B 22 22.44 -12.23 -6.09
N SER B 23 23.22 -13.10 -5.42
CA SER B 23 24.30 -13.80 -6.15
C SER B 23 23.76 -14.83 -7.12
N GLY B 24 22.50 -15.28 -6.95
CA GLY B 24 21.93 -16.31 -7.80
C GLY B 24 21.26 -15.69 -9.02
N THR B 25 21.35 -16.38 -10.14
CA THR B 25 20.68 -15.94 -11.35
C THR B 25 19.17 -16.13 -11.17
N GLN B 26 18.43 -15.04 -11.35
CA GLN B 26 16.97 -15.05 -11.19
C GLN B 26 16.33 -15.41 -12.50
N THR B 27 15.25 -16.20 -12.45
CA THR B 27 14.38 -16.45 -13.59
C THR B 27 13.01 -15.95 -13.20
N VAL B 28 12.48 -15.00 -13.95
CA VAL B 28 11.15 -14.47 -13.70
C VAL B 28 10.24 -14.87 -14.85
N ASN B 29 9.15 -15.57 -14.55
CA ASN B 29 8.13 -15.90 -15.55
C ASN B 29 6.84 -15.18 -15.20
N VAL B 30 6.27 -14.55 -16.21
CA VAL B 30 5.04 -13.78 -16.05
C VAL B 30 3.99 -14.51 -16.86
N LEU B 31 2.97 -15.03 -16.18
CA LEU B 31 1.90 -15.81 -16.78
C LEU B 31 0.67 -14.97 -16.96
N VAL B 32 0.02 -15.05 -18.13
CA VAL B 32 -1.27 -14.40 -18.37
C VAL B 32 -2.23 -15.55 -18.70
N ASN B 33 -3.36 -15.65 -17.99
CA ASN B 33 -4.29 -16.78 -18.17
C ASN B 33 -3.56 -18.13 -18.08
N ASN B 34 -2.63 -18.22 -17.13
CA ASN B 34 -1.93 -19.46 -16.83
C ASN B 34 -0.95 -19.91 -17.93
N GLU B 35 -0.57 -19.02 -18.84
CA GLU B 35 0.42 -19.36 -19.86
C GLU B 35 1.52 -18.30 -19.83
N THR B 36 2.77 -18.72 -19.91
CA THR B 36 3.87 -17.76 -19.85
C THR B 36 3.78 -16.76 -21.00
N ALA B 37 3.86 -15.48 -20.68
CA ALA B 37 3.79 -14.41 -21.66
C ALA B 37 5.08 -13.58 -21.73
N ALA B 38 5.88 -13.61 -20.67
CA ALA B 38 7.21 -12.99 -20.69
C ALA B 38 8.12 -13.75 -19.75
N THR B 39 9.41 -13.76 -20.08
CA THR B 39 10.39 -14.40 -19.24
C THR B 39 11.68 -13.57 -19.24
N PHE B 40 12.28 -13.39 -18.07
CA PHE B 40 13.50 -12.61 -17.89
C PHE B 40 14.45 -13.41 -17.04
N SER B 41 15.74 -13.39 -17.35
CA SER B 41 16.73 -14.03 -16.49
C SER B 41 17.95 -13.15 -16.30
N GLY B 42 18.61 -13.21 -15.15
CA GLY B 42 19.85 -12.47 -15.02
C GLY B 42 20.33 -12.46 -13.60
N GLN B 43 21.60 -12.12 -13.42
CA GLN B 43 22.17 -11.97 -12.11
C GLN B 43 22.67 -10.57 -11.90
N SER B 44 22.30 -9.96 -10.77
CA SER B 44 22.81 -8.65 -10.37
C SER B 44 22.72 -8.56 -8.87
N THR B 45 23.64 -7.82 -8.26
CA THR B 45 23.47 -7.35 -6.87
C THR B 45 23.30 -5.85 -6.81
N ASN B 46 23.04 -5.21 -7.98
N ASN B 46 22.94 -5.27 -7.93
CA ASN B 46 22.89 -3.74 -8.12
CA ASN B 46 22.81 -3.86 -7.97
C ASN B 46 21.53 -3.33 -8.71
C ASN B 46 21.59 -3.42 -8.76
N ASN B 47 20.50 -4.18 -8.58
CA ASN B 47 19.17 -3.78 -9.06
C ASN B 47 19.06 -3.64 -10.56
N ALA B 48 19.83 -4.43 -11.32
CA ALA B 48 19.67 -4.39 -12.77
C ALA B 48 18.23 -4.67 -13.16
N VAL B 49 17.79 -4.00 -14.22
CA VAL B 49 16.47 -4.31 -14.83
C VAL B 49 16.71 -5.50 -15.75
N ILE B 50 16.44 -6.68 -15.24
CA ILE B 50 16.68 -7.87 -16.03
C ILE B 50 15.63 -8.06 -17.11
N GLY B 51 14.54 -7.32 -17.07
CA GLY B 51 13.62 -7.25 -18.19
C GLY B 51 12.48 -6.30 -17.92
N THR B 52 11.93 -5.74 -18.99
CA THR B 52 10.73 -4.91 -18.91
C THR B 52 9.97 -5.06 -20.20
N GLN B 53 8.67 -5.33 -20.13
CA GLN B 53 7.86 -5.60 -21.30
C GLN B 53 6.44 -5.10 -21.12
N VAL B 54 5.77 -4.85 -22.22
CA VAL B 54 4.34 -4.54 -22.24
C VAL B 54 3.58 -5.78 -22.64
N LEU B 55 2.60 -6.17 -21.83
CA LEU B 55 1.74 -7.34 -22.08
C LEU B 55 0.29 -6.90 -22.11
N ASN B 56 -0.57 -7.78 -22.58
CA ASN B 56 -2.01 -7.55 -22.54
C ASN B 56 -2.62 -8.56 -21.57
N SER B 57 -3.47 -8.09 -20.67
CA SER B 57 -4.07 -8.99 -19.68
C SER B 57 -5.05 -10.02 -20.28
N GLY B 58 -5.48 -9.81 -21.54
CA GLY B 58 -6.34 -10.78 -22.26
C GLY B 58 -7.72 -10.92 -21.64
N SER B 59 -8.46 -11.93 -22.10
CA SER B 59 -9.85 -12.11 -21.69
C SER B 59 -10.05 -12.35 -20.20
N SER B 60 -9.09 -13.00 -19.55
CA SER B 60 -9.27 -13.41 -18.15
C SER B 60 -8.81 -12.35 -17.14
N GLY B 61 -7.86 -11.50 -17.55
CA GLY B 61 -7.22 -10.57 -16.61
C GLY B 61 -6.30 -11.22 -15.58
N LYS B 62 -6.10 -12.53 -15.64
CA LYS B 62 -5.32 -13.22 -14.61
C LYS B 62 -3.83 -13.12 -14.89
N VAL B 63 -3.10 -12.49 -13.98
CA VAL B 63 -1.64 -12.35 -14.13
C VAL B 63 -0.96 -12.97 -12.93
N GLN B 64 0.03 -13.82 -13.15
CA GLN B 64 0.79 -14.43 -12.06
C GLN B 64 2.27 -14.28 -12.32
N VAL B 65 3.02 -13.99 -11.28
CA VAL B 65 4.46 -13.88 -11.36
C VAL B 65 5.05 -15.08 -10.63
N GLN B 66 6.00 -15.75 -11.26
CA GLN B 66 6.76 -16.84 -10.64
C GLN B 66 8.23 -16.49 -10.70
N VAL B 67 8.97 -16.79 -9.66
CA VAL B 67 10.41 -16.54 -9.62
C VAL B 67 11.11 -17.83 -9.18
N SER B 68 12.20 -18.18 -9.85
N SER B 68 12.19 -18.18 -9.89
CA SER B 68 12.98 -19.35 -9.46
CA SER B 68 13.00 -19.34 -9.54
C SER B 68 14.44 -19.10 -9.74
C SER B 68 14.48 -19.05 -9.72
N VAL B 69 15.30 -19.88 -9.09
CA VAL B 69 16.75 -19.85 -9.30
C VAL B 69 17.15 -21.27 -9.67
N ASN B 70 17.60 -21.45 -10.92
CA ASN B 70 17.99 -22.76 -11.47
C ASN B 70 16.89 -23.79 -11.12
N GLY B 71 15.64 -23.42 -11.36
CA GLY B 71 14.50 -24.32 -11.19
C GLY B 71 13.87 -24.38 -9.81
N ARG B 72 14.52 -23.80 -8.82
CA ARG B 72 14.00 -23.86 -7.46
C ARG B 72 13.12 -22.62 -7.19
N PRO B 73 11.83 -22.81 -6.89
CA PRO B 73 10.96 -21.63 -6.69
C PRO B 73 11.39 -20.80 -5.49
N SER B 74 11.39 -19.49 -5.67
CA SER B 74 11.57 -18.55 -4.58
C SER B 74 10.27 -18.32 -3.83
N ASP B 75 10.39 -17.94 -2.57
CA ASP B 75 9.21 -17.58 -1.79
C ASP B 75 8.77 -16.16 -2.17
N LEU B 76 7.47 -15.94 -2.39
CA LEU B 76 6.98 -14.64 -2.85
C LEU B 76 6.23 -13.86 -1.80
N VAL B 77 6.30 -12.53 -1.92
N VAL B 77 6.29 -12.53 -1.93
CA VAL B 77 5.41 -11.62 -1.22
CA VAL B 77 5.45 -11.62 -1.16
C VAL B 77 4.85 -10.67 -2.25
C VAL B 77 4.94 -10.55 -2.12
N SER B 78 3.67 -10.13 -1.98
CA SER B 78 3.05 -9.25 -2.94
C SER B 78 1.95 -8.39 -2.33
N ALA B 79 1.58 -7.33 -3.06
CA ALA B 79 0.40 -6.52 -2.73
C ALA B 79 0.07 -5.67 -3.93
N GLN B 80 -1.09 -5.04 -3.93
CA GLN B 80 -1.45 -4.06 -4.97
C GLN B 80 -1.79 -2.76 -4.29
N VAL B 81 -1.40 -1.62 -4.88
N VAL B 81 -1.36 -1.64 -4.90
CA VAL B 81 -1.78 -0.33 -4.35
CA VAL B 81 -1.66 -0.29 -4.42
C VAL B 81 -2.26 0.56 -5.49
C VAL B 81 -2.34 0.48 -5.56
N ILE B 82 -3.31 1.33 -5.20
CA ILE B 82 -4.00 2.19 -6.18
C ILE B 82 -3.90 3.61 -5.67
N LEU B 83 -3.38 4.50 -6.51
CA LEU B 83 -3.26 5.93 -6.20
C LEU B 83 -4.29 6.72 -6.98
N THR B 84 -4.85 7.73 -6.30
CA THR B 84 -5.92 8.60 -6.81
C THR B 84 -7.01 7.84 -7.56
N ASN B 85 -7.31 6.62 -7.06
CA ASN B 85 -8.39 5.80 -7.59
C ASN B 85 -8.22 5.42 -9.05
N GLU B 86 -7.00 5.38 -9.55
N GLU B 86 -7.01 5.49 -9.58
CA GLU B 86 -6.79 5.17 -10.97
CA GLU B 86 -6.77 5.21 -10.99
C GLU B 86 -5.49 4.47 -11.31
C GLU B 86 -5.51 4.37 -11.20
N LEU B 87 -4.41 4.81 -10.62
CA LEU B 87 -3.08 4.36 -11.00
C LEU B 87 -2.73 3.12 -10.19
N ASN B 88 -2.47 2.02 -10.87
CA ASN B 88 -2.32 0.73 -10.22
C ASN B 88 -0.90 0.20 -10.25
N PHE B 89 -0.43 -0.30 -9.12
CA PHE B 89 0.83 -1.02 -9.01
C PHE B 89 0.58 -2.38 -8.38
N ALA B 90 1.02 -3.44 -9.03
CA ALA B 90 1.03 -4.77 -8.43
C ALA B 90 2.50 -5.11 -8.17
N LEU B 91 2.83 -5.43 -6.93
CA LEU B 91 4.22 -5.48 -6.45
C LEU B 91 4.56 -6.88 -5.97
N VAL B 92 5.73 -7.35 -6.34
CA VAL B 92 6.21 -8.67 -5.91
C VAL B 92 7.64 -8.59 -5.42
N GLY B 93 7.91 -9.19 -4.27
CA GLY B 93 9.27 -9.48 -3.84
C GLY B 93 9.45 -10.98 -3.78
N SER B 94 10.70 -11.40 -3.67
CA SER B 94 10.97 -12.84 -3.64
C SER B 94 12.27 -13.09 -2.91
N GLU B 95 12.34 -14.27 -2.29
CA GLU B 95 13.47 -14.67 -1.47
C GLU B 95 13.99 -16.02 -1.94
N ASP B 96 15.27 -16.07 -2.32
CA ASP B 96 15.91 -17.27 -2.81
C ASP B 96 16.79 -17.94 -1.78
N GLY B 97 16.90 -17.37 -0.58
CA GLY B 97 17.88 -17.88 0.40
C GLY B 97 17.34 -17.75 1.81
N THR B 98 18.19 -17.29 2.71
CA THR B 98 17.88 -17.30 4.14
C THR B 98 17.82 -15.93 4.76
N ASP B 99 18.29 -14.87 4.10
CA ASP B 99 18.42 -13.59 4.79
C ASP B 99 17.12 -12.81 4.86
N ASN B 100 16.11 -13.19 4.06
CA ASN B 100 14.81 -12.53 4.07
C ASN B 100 14.84 -11.05 3.74
N ASP B 101 15.72 -10.66 2.82
CA ASP B 101 15.59 -9.31 2.27
C ASP B 101 14.47 -9.20 1.24
N TYR B 102 14.04 -10.34 0.66
CA TYR B 102 12.92 -10.38 -0.27
C TYR B 102 13.10 -9.47 -1.47
N ASN B 103 14.36 -9.17 -1.82
CA ASN B 103 14.63 -8.33 -2.98
C ASN B 103 15.35 -9.10 -4.09
N ASP B 104 15.39 -10.43 -4.00
CA ASP B 104 16.32 -11.18 -4.85
C ASP B 104 15.88 -11.07 -6.29
N ALA B 105 14.57 -11.20 -6.53
CA ALA B 105 13.93 -10.64 -7.73
C ALA B 105 12.77 -9.80 -7.24
N VAL B 106 12.69 -8.56 -7.72
CA VAL B 106 11.61 -7.64 -7.42
C VAL B 106 10.85 -7.40 -8.74
N VAL B 107 9.51 -7.54 -8.73
CA VAL B 107 8.75 -7.37 -9.96
C VAL B 107 7.67 -6.31 -9.72
N VAL B 108 7.59 -5.35 -10.63
CA VAL B 108 6.56 -4.33 -10.56
C VAL B 108 5.70 -4.39 -11.81
N ILE B 109 4.39 -4.46 -11.62
CA ILE B 109 3.40 -4.43 -12.71
C ILE B 109 2.66 -3.11 -12.58
N ASN B 110 2.50 -2.38 -13.68
CA ASN B 110 1.81 -1.08 -13.63
C ASN B 110 0.80 -0.95 -14.74
N TRP B 111 -0.35 -0.35 -14.43
CA TRP B 111 -1.37 -0.05 -15.41
C TRP B 111 -2.21 1.11 -14.87
N PRO B 112 -2.91 1.85 -15.75
CA PRO B 112 -2.93 1.75 -17.21
C PRO B 112 -1.67 2.31 -17.81
N LEU B 113 -1.49 1.98 -19.08
CA LEU B 113 -0.43 2.55 -19.90
C LEU B 113 -0.99 3.57 -20.87
N GLY B 114 -0.12 4.22 -21.62
CA GLY B 114 -0.54 5.08 -22.72
C GLY B 114 -0.72 6.52 -22.34
N ALA C 1 -3.94 16.02 -6.93
CA ALA C 1 -4.88 14.98 -7.42
C ALA C 1 -6.05 14.84 -6.46
N THR C 2 -7.19 14.39 -6.98
CA THR C 2 -8.33 14.07 -6.13
C THR C 2 -7.91 13.00 -5.11
N GLN C 3 -8.36 13.16 -3.86
CA GLN C 3 -8.10 12.21 -2.79
C GLN C 3 -9.41 11.91 -2.08
N GLY C 4 -9.47 10.75 -1.45
CA GLY C 4 -10.64 10.38 -0.65
C GLY C 4 -11.82 9.85 -1.46
N VAL C 5 -11.61 9.53 -2.74
CA VAL C 5 -12.66 8.97 -3.61
C VAL C 5 -12.22 7.54 -4.01
N PHE C 6 -13.12 6.58 -3.83
CA PHE C 6 -12.79 5.19 -4.11
C PHE C 6 -13.91 4.53 -4.87
N THR C 7 -13.56 3.71 -5.85
CA THR C 7 -14.57 2.89 -6.52
C THR C 7 -14.58 1.52 -5.88
N LEU C 8 -15.63 1.21 -5.14
CA LEU C 8 -15.78 -0.09 -4.53
C LEU C 8 -16.54 -1.03 -5.47
N PRO C 9 -16.50 -2.33 -5.19
CA PRO C 9 -17.39 -3.25 -5.88
C PRO C 9 -18.82 -2.75 -5.68
N ALA C 10 -19.64 -2.81 -6.76
CA ALA C 10 -21.03 -2.39 -6.66
C ALA C 10 -21.81 -3.22 -5.63
N ASN C 11 -22.77 -2.58 -4.98
CA ASN C 11 -23.79 -3.25 -4.18
C ASN C 11 -23.24 -4.04 -3.00
N THR C 12 -22.05 -3.65 -2.53
CA THR C 12 -21.29 -4.45 -1.57
C THR C 12 -21.16 -3.73 -0.24
N ARG C 13 -21.35 -4.46 0.86
N ARG C 13 -21.31 -4.49 0.84
CA ARG C 13 -21.18 -3.85 2.17
CA ARG C 13 -21.07 -3.96 2.17
C ARG C 13 -19.70 -3.63 2.50
C ARG C 13 -19.61 -3.57 2.40
N PHE C 14 -19.41 -2.49 3.14
CA PHE C 14 -18.07 -2.13 3.56
C PHE C 14 -18.15 -1.51 4.95
N GLY C 15 -17.05 -1.63 5.68
CA GLY C 15 -16.91 -0.92 6.95
C GLY C 15 -16.24 0.41 6.72
N VAL C 16 -16.65 1.42 7.49
CA VAL C 16 -15.96 2.70 7.51
C VAL C 16 -15.78 3.11 8.99
N THR C 17 -14.56 3.49 9.34
CA THR C 17 -14.18 3.73 10.73
C THR C 17 -13.30 4.95 10.76
N ALA C 18 -13.57 5.85 11.70
CA ALA C 18 -12.81 7.09 11.83
C ALA C 18 -12.16 7.22 13.20
N PHE C 19 -10.96 7.79 13.19
CA PHE C 19 -10.14 7.99 14.38
C PHE C 19 -9.77 9.46 14.45
N ALA C 20 -9.72 10.05 15.65
CA ALA C 20 -9.37 11.47 15.81
C ALA C 20 -8.06 11.64 16.55
N ASN C 21 -7.25 12.60 16.06
CA ASN C 21 -5.97 12.94 16.69
C ASN C 21 -5.67 14.43 16.50
N SER C 22 -6.39 15.28 17.23
CA SER C 22 -6.25 16.73 17.04
C SER C 22 -6.95 17.44 18.18
N SER C 23 -6.52 18.68 18.48
CA SER C 23 -7.29 19.50 19.41
C SER C 23 -8.58 19.99 18.78
N GLY C 24 -8.68 19.97 17.45
CA GLY C 24 -9.89 20.40 16.80
C GLY C 24 -10.92 19.28 16.74
N THR C 25 -12.19 19.62 16.87
CA THR C 25 -13.27 18.65 16.72
C THR C 25 -13.42 18.29 15.24
N GLN C 26 -13.34 16.99 14.95
CA GLN C 26 -13.39 16.51 13.57
C GLN C 26 -14.81 16.17 13.20
N THR C 27 -15.18 16.42 11.94
CA THR C 27 -16.43 15.90 11.38
C THR C 27 -16.10 15.16 10.09
N VAL C 28 -16.45 13.89 10.05
CA VAL C 28 -16.17 13.04 8.88
C VAL C 28 -17.50 12.73 8.20
N ASN C 29 -17.59 13.05 6.92
N ASN C 29 -17.57 13.02 6.91
CA ASN C 29 -18.74 12.68 6.12
CA ASN C 29 -18.75 12.73 6.12
C ASN C 29 -18.36 11.59 5.13
C ASN C 29 -18.43 11.68 5.05
N VAL C 30 -19.26 10.63 5.00
CA VAL C 30 -19.06 9.54 4.04
C VAL C 30 -20.20 9.60 3.05
N LEU C 31 -19.85 9.79 1.79
CA LEU C 31 -20.84 9.92 0.72
C LEU C 31 -20.87 8.64 -0.11
N VAL C 32 -22.05 8.11 -0.38
CA VAL C 32 -22.17 6.97 -1.26
C VAL C 32 -22.99 7.45 -2.43
N ASN C 33 -22.44 7.31 -3.64
CA ASN C 33 -23.06 7.86 -4.86
C ASN C 33 -23.50 9.32 -4.65
N ASN C 34 -22.58 10.10 -4.09
CA ASN C 34 -22.72 11.55 -3.93
C ASN C 34 -23.78 11.97 -2.92
N GLU C 35 -24.27 11.06 -2.09
CA GLU C 35 -25.22 11.43 -1.03
C GLU C 35 -24.65 11.03 0.34
N THR C 36 -24.79 11.88 1.36
CA THR C 36 -24.25 11.58 2.68
C THR C 36 -24.92 10.33 3.21
N ALA C 37 -24.09 9.35 3.59
CA ALA C 37 -24.57 8.09 4.12
C ALA C 37 -24.18 7.88 5.57
N ALA C 38 -23.15 8.57 6.05
CA ALA C 38 -22.75 8.51 7.47
C ALA C 38 -22.01 9.77 7.82
N THR C 39 -22.13 10.20 9.08
CA THR C 39 -21.40 11.32 9.64
C THR C 39 -20.91 10.95 11.03
N PHE C 40 -19.62 11.16 11.26
CA PHE C 40 -19.03 10.91 12.57
C PHE C 40 -18.38 12.19 13.06
N SER C 41 -18.30 12.37 14.38
CA SER C 41 -17.63 13.54 14.92
C SER C 41 -17.06 13.25 16.29
N GLY C 42 -16.00 13.92 16.64
CA GLY C 42 -15.49 13.84 18.02
C GLY C 42 -14.21 14.61 18.15
N GLN C 43 -13.61 14.56 19.33
CA GLN C 43 -12.39 15.31 19.62
C GLN C 43 -11.50 14.49 20.54
N SER C 44 -10.33 14.08 20.04
CA SER C 44 -9.41 13.27 20.79
C SER C 44 -8.01 13.54 20.27
N THR C 45 -7.02 13.50 21.15
CA THR C 45 -5.61 13.42 20.74
C THR C 45 -5.03 12.05 21.07
N ASN C 46 -5.89 11.03 21.17
CA ASN C 46 -5.46 9.68 21.51
C ASN C 46 -6.20 8.64 20.69
N ASN C 47 -6.51 8.97 19.44
CA ASN C 47 -7.00 7.98 18.47
C ASN C 47 -8.40 7.45 18.76
N ALA C 48 -9.26 8.22 19.43
CA ALA C 48 -10.62 7.72 19.69
C ALA C 48 -11.31 7.32 18.38
N VAL C 49 -12.03 6.21 18.45
CA VAL C 49 -12.82 5.71 17.33
C VAL C 49 -14.16 6.44 17.38
N ILE C 50 -14.20 7.59 16.73
CA ILE C 50 -15.35 8.49 16.80
C ILE C 50 -16.55 7.95 16.06
N GLY C 51 -16.34 7.00 15.15
CA GLY C 51 -17.45 6.31 14.54
C GLY C 51 -16.99 5.06 13.82
N THR C 52 -17.90 4.09 13.68
CA THR C 52 -17.69 2.94 12.80
C THR C 52 -19.07 2.53 12.34
N GLN C 53 -19.20 2.14 11.08
CA GLN C 53 -20.51 1.82 10.51
C GLN C 53 -20.34 0.90 9.33
N VAL C 54 -21.36 0.09 9.08
CA VAL C 54 -21.43 -0.75 7.88
C VAL C 54 -22.37 -0.08 6.91
N LEU C 55 -21.89 0.16 5.68
CA LEU C 55 -22.69 0.77 4.62
C LEU C 55 -22.68 -0.13 3.40
N ASN C 56 -23.59 0.12 2.48
CA ASN C 56 -23.57 -0.55 1.18
C ASN C 56 -23.11 0.44 0.12
N SER C 57 -22.21 0.00 -0.75
CA SER C 57 -21.63 0.88 -1.78
C SER C 57 -22.59 1.26 -2.90
N GLY C 58 -23.73 0.57 -2.98
CA GLY C 58 -24.79 0.98 -3.92
C GLY C 58 -24.49 0.62 -5.35
N SER C 59 -25.36 1.05 -6.25
N SER C 59 -25.35 1.07 -6.25
CA SER C 59 -25.27 0.61 -7.64
CA SER C 59 -25.29 0.64 -7.65
C SER C 59 -24.00 1.00 -8.37
C SER C 59 -24.01 1.02 -8.38
N SER C 60 -23.46 2.18 -8.03
CA SER C 60 -22.28 2.69 -8.71
C SER C 60 -20.96 2.31 -8.01
N GLY C 61 -21.03 1.95 -6.73
CA GLY C 61 -19.81 1.70 -5.94
C GLY C 61 -19.00 2.91 -5.53
N LYS C 62 -19.45 4.13 -5.84
CA LYS C 62 -18.65 5.32 -5.54
C LYS C 62 -18.76 5.70 -4.07
N VAL C 63 -17.61 5.76 -3.39
CA VAL C 63 -17.57 6.19 -2.00
C VAL C 63 -16.59 7.34 -1.87
N GLN C 64 -16.99 8.41 -1.18
CA GLN C 64 -16.13 9.56 -0.97
C GLN C 64 -16.11 9.94 0.51
N VAL C 65 -14.93 10.24 1.01
CA VAL C 65 -14.75 10.70 2.38
C VAL C 65 -14.37 12.15 2.35
N GLN C 66 -15.02 12.93 3.19
CA GLN C 66 -14.69 14.36 3.38
C GLN C 66 -14.53 14.62 4.87
N VAL C 67 -13.62 15.53 5.23
CA VAL C 67 -13.36 15.81 6.64
C VAL C 67 -13.37 17.32 6.79
N SER C 68 -14.02 17.82 7.83
CA SER C 68 -13.96 19.26 8.13
C SER C 68 -13.78 19.50 9.61
N VAL C 69 -13.25 20.68 9.91
CA VAL C 69 -13.02 21.13 11.28
C VAL C 69 -13.43 22.62 11.30
N ASN C 70 -14.27 23.01 12.25
CA ASN C 70 -14.75 24.40 12.29
C ASN C 70 -15.44 24.79 10.96
N GLY C 71 -16.04 23.81 10.27
CA GLY C 71 -16.69 24.05 8.98
C GLY C 71 -15.75 24.27 7.79
N ARG C 72 -14.46 24.10 8.02
CA ARG C 72 -13.46 24.25 6.97
C ARG C 72 -12.95 22.87 6.53
N PRO C 73 -12.92 22.61 5.23
CA PRO C 73 -12.43 21.31 4.76
C PRO C 73 -10.96 21.06 5.07
N SER C 74 -10.67 19.87 5.58
CA SER C 74 -9.28 19.46 5.78
C SER C 74 -8.69 19.00 4.46
N ASP C 75 -7.36 19.11 4.36
CA ASP C 75 -6.66 18.57 3.19
C ASP C 75 -6.55 17.05 3.36
N LEU C 76 -6.81 16.29 2.30
CA LEU C 76 -6.85 14.83 2.37
C LEU C 76 -5.71 14.16 1.64
N VAL C 77 -5.33 13.00 2.17
N VAL C 77 -5.34 12.99 2.14
CA VAL C 77 -4.44 12.07 1.47
CA VAL C 77 -4.41 12.10 1.45
C VAL C 77 -5.12 10.70 1.50
C VAL C 77 -5.00 10.67 1.55
N SER C 78 -4.86 9.87 0.48
CA SER C 78 -5.52 8.57 0.43
C SER C 78 -4.82 7.60 -0.47
N ALA C 79 -5.14 6.34 -0.29
CA ALA C 79 -4.70 5.25 -1.19
C ALA C 79 -5.55 4.04 -0.93
N GLN C 80 -5.52 3.08 -1.84
CA GLN C 80 -6.16 1.76 -1.61
C GLN C 80 -5.10 0.69 -1.71
N VAL C 81 -5.17 -0.27 -0.80
N VAL C 81 -5.17 -0.30 -0.83
CA VAL C 81 -4.27 -1.42 -0.84
CA VAL C 81 -4.20 -1.40 -0.86
C VAL C 81 -5.09 -2.71 -0.88
C VAL C 81 -4.99 -2.72 -0.78
N ILE C 82 -4.57 -3.68 -1.60
CA ILE C 82 -5.19 -5.00 -1.72
C ILE C 82 -4.20 -6.10 -1.35
N LEU C 83 -4.60 -6.94 -0.42
CA LEU C 83 -3.77 -8.04 0.05
C LEU C 83 -4.32 -9.35 -0.47
N THR C 84 -3.40 -10.24 -0.87
CA THR C 84 -3.70 -11.55 -1.46
C THR C 84 -4.82 -11.50 -2.50
N ASN C 85 -4.82 -10.42 -3.30
CA ASN C 85 -5.78 -10.26 -4.40
C ASN C 85 -7.23 -10.30 -3.98
N GLU C 86 -7.53 -9.93 -2.73
N GLU C 86 -7.51 -10.00 -2.70
CA GLU C 86 -8.92 -10.05 -2.27
CA GLU C 86 -8.88 -10.10 -2.19
C GLU C 86 -9.31 -9.13 -1.10
C GLU C 86 -9.20 -8.98 -1.22
N LEU C 87 -8.37 -8.82 -0.20
CA LEU C 87 -8.72 -8.06 1.00
C LEU C 87 -8.37 -6.61 0.77
N ASN C 88 -9.36 -5.73 0.86
CA ASN C 88 -9.19 -4.33 0.47
C ASN C 88 -9.25 -3.36 1.62
N PHE C 89 -8.36 -2.38 1.59
CA PHE C 89 -8.41 -1.23 2.50
C PHE C 89 -8.33 0.05 1.72
N ALA C 90 -9.27 0.97 1.94
CA ALA C 90 -9.18 2.32 1.42
C ALA C 90 -8.86 3.23 2.59
N LEU C 91 -7.81 4.01 2.47
CA LEU C 91 -7.18 4.70 3.61
C LEU C 91 -7.20 6.19 3.35
N VAL C 92 -7.55 6.95 4.40
CA VAL C 92 -7.60 8.41 4.32
C VAL C 92 -6.90 9.01 5.52
N GLY C 93 -6.05 10.00 5.26
CA GLY C 93 -5.55 10.88 6.29
C GLY C 93 -6.04 12.31 5.99
N SER C 94 -5.96 13.16 7.01
CA SER C 94 -6.43 14.54 6.82
C SER C 94 -5.68 15.46 7.76
N GLU C 95 -5.51 16.71 7.30
CA GLU C 95 -4.78 17.73 8.04
C GLU C 95 -5.62 18.97 8.22
N ASP C 96 -5.77 19.38 9.48
CA ASP C 96 -6.59 20.55 9.82
C ASP C 96 -5.77 21.78 10.19
N GLY C 97 -4.45 21.67 10.19
CA GLY C 97 -3.58 22.70 10.76
C GLY C 97 -2.30 22.84 9.97
N THR C 98 -1.21 22.94 10.71
CA THR C 98 0.07 23.35 10.12
C THR C 98 1.17 22.34 10.31
N ASP C 99 0.98 21.32 11.15
CA ASP C 99 2.07 20.40 11.42
C ASP C 99 2.24 19.27 10.41
N ASN C 100 1.28 19.10 9.52
CA ASN C 100 1.33 18.06 8.49
C ASN C 100 1.56 16.66 9.02
N ASP C 101 0.96 16.32 10.16
CA ASP C 101 0.93 14.93 10.58
C ASP C 101 -0.14 14.11 9.86
N TYR C 102 -1.14 14.78 9.26
CA TYR C 102 -2.18 14.09 8.48
C TYR C 102 -2.94 12.99 9.22
N ASN C 103 -2.97 13.07 10.56
CA ASN C 103 -3.68 12.08 11.35
C ASN C 103 -4.90 12.67 12.05
N ASP C 104 -5.28 13.90 11.69
CA ASP C 104 -6.21 14.65 12.54
C ASP C 104 -7.60 13.98 12.56
N ALA C 105 -8.03 13.55 11.38
CA ALA C 105 -8.99 12.45 11.27
C ALA C 105 -8.38 11.42 10.32
N VAL C 106 -8.38 10.17 10.75
CA VAL C 106 -7.92 9.04 9.93
C VAL C 106 -9.15 8.20 9.65
N VAL C 107 -9.36 7.78 8.40
CA VAL C 107 -10.54 6.98 8.04
C VAL C 107 -10.05 5.73 7.33
N VAL C 108 -10.57 4.61 7.77
CA VAL C 108 -10.26 3.31 7.15
C VAL C 108 -11.56 2.70 6.65
N ILE C 109 -11.58 2.33 5.37
CA ILE C 109 -12.69 1.61 4.75
C ILE C 109 -12.20 0.20 4.44
N ASN C 110 -12.96 -0.82 4.81
CA ASN C 110 -12.51 -2.17 4.57
C ASN C 110 -13.61 -3.00 3.95
N TRP C 111 -13.22 -3.90 3.04
CA TRP C 111 -14.17 -4.84 2.42
C TRP C 111 -13.34 -5.99 1.86
N PRO C 112 -13.95 -7.16 1.59
CA PRO C 112 -15.33 -7.51 1.89
C PRO C 112 -15.55 -7.76 3.36
N LEU C 113 -16.83 -7.79 3.74
CA LEU C 113 -17.26 -8.12 5.09
C LEU C 113 -17.85 -9.52 5.14
N GLY C 114 -18.18 -9.98 6.33
CA GLY C 114 -18.91 -11.24 6.49
C GLY C 114 -18.06 -12.47 6.67
N ALA D 1 6.39 -16.23 3.49
CA ALA D 1 7.01 -15.03 4.14
C ALA D 1 6.29 -14.73 5.45
N THR D 2 7.06 -14.32 6.43
CA THR D 2 6.48 -13.86 7.69
C THR D 2 5.50 -12.71 7.48
N GLN D 3 4.40 -12.75 8.21
CA GLN D 3 3.35 -11.74 8.12
C GLN D 3 2.94 -11.31 9.52
N GLY D 4 2.40 -10.09 9.63
CA GLY D 4 1.91 -9.57 10.91
C GLY D 4 2.99 -9.03 11.83
N VAL D 5 4.21 -8.84 11.32
CA VAL D 5 5.34 -8.29 12.11
C VAL D 5 5.73 -6.94 11.52
N PHE D 6 5.79 -5.90 12.35
CA PHE D 6 6.11 -4.57 11.91
C PHE D 6 7.15 -3.90 12.79
N THR D 7 8.04 -3.12 12.18
CA THR D 7 9.00 -2.30 12.95
C THR D 7 8.49 -0.87 12.98
N LEU D 8 8.11 -0.41 14.17
CA LEU D 8 7.69 0.95 14.36
C LEU D 8 8.86 1.77 14.86
N PRO D 9 8.79 3.10 14.74
CA PRO D 9 9.81 3.92 15.42
C PRO D 9 9.77 3.59 16.91
N ALA D 10 10.93 3.63 17.57
CA ALA D 10 10.99 3.26 18.98
C ALA D 10 10.18 4.23 19.83
N ASN D 11 9.66 3.73 20.93
CA ASN D 11 9.04 4.57 21.98
C ASN D 11 7.95 5.48 21.45
N THR D 12 7.13 4.94 20.57
CA THR D 12 6.09 5.71 19.90
C THR D 12 4.71 5.08 20.16
N ARG D 13 3.77 5.92 20.50
CA ARG D 13 2.38 5.46 20.67
C ARG D 13 1.75 5.12 19.32
N PHE D 14 0.98 4.06 19.33
CA PHE D 14 0.26 3.65 18.14
C PHE D 14 -1.12 3.13 18.53
N GLY D 15 -2.06 3.22 17.61
CA GLY D 15 -3.38 2.65 17.80
C GLY D 15 -3.44 1.26 17.21
N VAL D 16 -4.20 0.38 17.84
CA VAL D 16 -4.50 -0.94 17.29
C VAL D 16 -5.98 -1.22 17.46
N THR D 17 -6.65 -1.61 16.36
CA THR D 17 -8.11 -1.79 16.34
C THR D 17 -8.38 -3.06 15.58
N ALA D 18 -9.26 -3.92 16.10
CA ALA D 18 -9.60 -5.18 15.46
C ALA D 18 -11.10 -5.27 15.15
N PHE D 19 -11.40 -5.87 14.00
CA PHE D 19 -12.76 -6.10 13.52
C PHE D 19 -12.94 -7.59 13.27
N ALA D 20 -14.16 -8.11 13.42
CA ALA D 20 -14.43 -9.52 13.19
C ALA D 20 -15.43 -9.72 12.07
N ASN D 21 -15.19 -10.74 11.26
CA ASN D 21 -16.07 -11.13 10.14
C ASN D 21 -16.05 -12.65 9.94
N SER D 22 -16.66 -13.39 10.85
CA SER D 22 -16.57 -14.86 10.81
C SER D 22 -17.57 -15.43 11.79
N SER D 23 -17.99 -16.67 11.57
CA SER D 23 -18.77 -17.38 12.58
C SER D 23 -17.93 -17.75 13.80
N GLY D 24 -16.60 -17.79 13.66
CA GLY D 24 -15.76 -18.18 14.79
C GLY D 24 -15.38 -17.00 15.65
N THR D 25 -15.24 -17.23 16.95
CA THR D 25 -14.76 -16.21 17.88
C THR D 25 -13.28 -15.95 17.63
N GLN D 26 -12.95 -14.70 17.38
CA GLN D 26 -11.57 -14.31 17.05
C GLN D 26 -10.84 -13.89 18.31
N THR D 27 -9.60 -14.35 18.45
CA THR D 27 -8.74 -13.86 19.51
C THR D 27 -7.52 -13.23 18.88
N VAL D 28 -7.36 -11.93 19.11
CA VAL D 28 -6.27 -11.14 18.56
C VAL D 28 -5.30 -10.78 19.66
N ASN D 29 -4.05 -11.15 19.48
N ASN D 29 -4.05 -11.19 19.50
CA ASN D 29 -3.01 -10.83 20.44
CA ASN D 29 -2.97 -10.85 20.41
C ASN D 29 -1.97 -9.92 19.83
C ASN D 29 -2.06 -9.84 19.77
N VAL D 30 -1.67 -8.83 20.53
CA VAL D 30 -0.73 -7.83 20.05
C VAL D 30 0.49 -7.90 20.97
N LEU D 31 1.64 -8.20 20.38
N LEU D 31 1.64 -8.22 20.39
CA LEU D 31 2.92 -8.34 21.09
CA LEU D 31 2.90 -8.35 21.17
C LEU D 31 3.75 -7.11 20.85
C LEU D 31 3.82 -7.20 20.85
N VAL D 32 4.38 -6.59 21.90
CA VAL D 32 5.36 -5.53 21.77
C VAL D 32 6.65 -6.07 22.36
N ASN D 33 7.73 -6.05 21.58
CA ASN D 33 9.01 -6.66 21.99
C ASN D 33 8.82 -8.10 22.48
N ASN D 34 7.99 -8.85 21.77
CA ASN D 34 7.74 -10.29 22.00
C ASN D 34 6.96 -10.62 23.25
N GLU D 35 6.33 -9.61 23.85
CA GLU D 35 5.52 -9.83 25.04
C GLU D 35 4.10 -9.30 24.80
N THR D 36 3.10 -10.04 25.24
CA THR D 36 1.71 -9.64 25.01
C THR D 36 1.42 -8.29 25.65
N ALA D 37 0.86 -7.37 24.86
CA ALA D 37 0.56 -6.02 25.34
C ALA D 37 -0.95 -5.73 25.27
N ALA D 38 -1.68 -6.42 24.39
CA ALA D 38 -3.14 -6.28 24.31
C ALA D 38 -3.71 -7.57 23.78
N THR D 39 -4.93 -7.89 24.18
CA THR D 39 -5.64 -9.03 23.65
C THR D 39 -7.11 -8.66 23.50
N PHE D 40 -7.66 -8.90 22.31
CA PHE D 40 -9.08 -8.65 22.03
C PHE D 40 -9.73 -9.95 21.62
N SER D 41 -10.98 -10.14 22.03
N SER D 41 -10.97 -10.14 22.06
N SER D 41 -10.99 -10.11 22.02
CA SER D 41 -11.71 -11.33 21.57
CA SER D 41 -11.76 -11.28 21.62
CA SER D 41 -11.74 -11.28 21.60
C SER D 41 -13.20 -11.05 21.40
C SER D 41 -13.17 -10.84 21.25
C SER D 41 -13.19 -10.89 21.30
N GLY D 42 -13.77 -11.53 20.31
CA GLY D 42 -15.17 -11.30 19.99
C GLY D 42 -15.59 -12.03 18.75
N GLN D 43 -16.88 -12.00 18.48
CA GLN D 43 -17.46 -12.70 17.34
C GLN D 43 -18.44 -11.76 16.63
N SER D 44 -18.28 -11.62 15.32
CA SER D 44 -19.22 -10.83 14.50
C SER D 44 -19.12 -11.31 13.08
N THR D 45 -20.22 -11.27 12.34
CA THR D 45 -20.17 -11.39 10.87
C THR D 45 -20.49 -10.05 10.20
N ASN D 46 -20.44 -8.98 11.00
CA ASN D 46 -20.77 -7.64 10.54
C ASN D 46 -19.71 -6.61 10.83
N ASN D 47 -18.45 -7.05 10.87
CA ASN D 47 -17.33 -6.10 11.01
C ASN D 47 -17.31 -5.35 12.35
N ALA D 48 -17.89 -5.92 13.40
CA ALA D 48 -17.88 -5.22 14.70
C ALA D 48 -16.46 -5.01 15.16
N VAL D 49 -16.24 -3.86 15.78
CA VAL D 49 -15.00 -3.61 16.49
C VAL D 49 -14.98 -4.51 17.73
N ILE D 50 -14.01 -5.41 17.80
CA ILE D 50 -13.86 -6.28 18.97
C ILE D 50 -12.82 -5.76 19.94
N GLY D 51 -12.08 -4.71 19.59
CA GLY D 51 -11.19 -4.06 20.54
C GLY D 51 -10.49 -2.89 19.88
N THR D 52 -10.13 -1.92 20.69
CA THR D 52 -9.24 -0.85 20.25
C THR D 52 -8.44 -0.40 21.47
N GLN D 53 -7.19 0.01 21.24
CA GLN D 53 -6.30 0.37 22.33
C GLN D 53 -5.17 1.22 21.79
N VAL D 54 -4.50 1.94 22.69
CA VAL D 54 -3.27 2.66 22.35
C VAL D 54 -2.12 2.05 23.13
N LEU D 55 -1.06 1.68 22.40
CA LEU D 55 0.11 1.03 23.01
C LEU D 55 1.34 1.83 22.69
N ASN D 56 2.45 1.51 23.37
CA ASN D 56 3.72 2.13 23.07
C ASN D 56 4.63 1.09 22.47
N SER D 57 5.30 1.44 21.38
CA SER D 57 6.16 0.48 20.69
C SER D 57 7.46 0.11 21.45
N GLY D 58 7.78 0.87 22.50
CA GLY D 58 8.95 0.54 23.35
C GLY D 58 10.29 0.68 22.65
N SER D 59 11.34 0.20 23.34
CA SER D 59 12.70 0.41 22.87
C SER D 59 13.02 -0.26 21.52
N SER D 60 12.39 -1.40 21.26
CA SER D 60 12.70 -2.17 20.07
C SER D 60 11.86 -1.74 18.85
N GLY D 61 10.69 -1.17 19.11
CA GLY D 61 9.75 -0.86 18.04
C GLY D 61 9.08 -2.09 17.43
N LYS D 62 9.34 -3.30 17.91
CA LYS D 62 8.79 -4.52 17.27
C LYS D 62 7.37 -4.77 17.73
N VAL D 63 6.45 -4.82 16.77
CA VAL D 63 5.05 -5.10 17.02
C VAL D 63 4.63 -6.33 16.20
N GLN D 64 3.96 -7.28 16.85
CA GLN D 64 3.47 -8.45 16.15
C GLN D 64 2.02 -8.68 16.46
N VAL D 65 1.23 -9.00 15.44
CA VAL D 65 -0.17 -9.37 15.59
C VAL D 65 -0.28 -10.87 15.35
N GLN D 66 -0.98 -11.55 16.25
CA GLN D 66 -1.34 -12.95 16.07
C GLN D 66 -2.84 -13.08 16.17
N VAL D 67 -3.42 -14.00 15.41
CA VAL D 67 -4.85 -14.23 15.48
C VAL D 67 -5.08 -15.74 15.56
N SER D 68 -5.99 -16.14 16.45
N SER D 68 -5.98 -16.14 16.46
CA SER D 68 -6.40 -17.54 16.53
CA SER D 68 -6.38 -17.54 16.57
C SER D 68 -7.89 -17.65 16.75
C SER D 68 -7.89 -17.66 16.78
N VAL D 69 -8.43 -18.82 16.43
CA VAL D 69 -9.84 -19.12 16.64
C VAL D 69 -9.88 -20.46 17.38
N ASN D 70 -10.40 -20.42 18.60
CA ASN D 70 -10.45 -21.62 19.47
C ASN D 70 -9.10 -22.33 19.51
N GLY D 71 -8.02 -21.55 19.62
CA GLY D 71 -6.66 -22.06 19.75
C GLY D 71 -5.91 -22.34 18.46
N ARG D 72 -6.64 -22.37 17.35
CA ARG D 72 -6.05 -22.67 16.06
C ARG D 72 -5.51 -21.37 15.44
N PRO D 73 -4.20 -21.27 15.18
CA PRO D 73 -3.68 -20.01 14.60
C PRO D 73 -4.23 -19.78 13.19
N SER D 74 -4.65 -18.54 12.92
CA SER D 74 -5.12 -18.14 11.60
C SER D 74 -3.94 -17.81 10.73
N ASP D 75 -4.09 -18.05 9.43
CA ASP D 75 -3.09 -17.60 8.47
C ASP D 75 -3.19 -16.09 8.26
N LEU D 76 -2.09 -15.38 8.23
CA LEU D 76 -2.11 -13.91 8.13
C LEU D 76 -1.66 -13.36 6.80
N VAL D 77 -2.18 -12.18 6.46
N VAL D 77 -2.13 -12.16 6.48
CA VAL D 77 -1.65 -11.33 5.38
CA VAL D 77 -1.61 -11.39 5.36
C VAL D 77 -1.44 -9.96 5.95
C VAL D 77 -1.52 -9.94 5.80
N SER D 78 -0.42 -9.25 5.47
CA SER D 78 -0.16 -7.93 6.03
C SER D 78 0.66 -7.08 5.09
N ALA D 79 0.64 -5.78 5.36
CA ALA D 79 1.54 -4.83 4.71
C ALA D 79 1.52 -3.55 5.47
N GLN D 80 2.50 -2.67 5.21
CA GLN D 80 2.50 -1.32 5.76
C GLN D 80 2.44 -0.32 4.62
N VAL D 81 1.64 0.74 4.80
CA VAL D 81 1.52 1.81 3.83
C VAL D 81 1.77 3.13 4.52
N ILE D 82 2.49 4.02 3.83
CA ILE D 82 2.80 5.34 4.38
C ILE D 82 2.29 6.38 3.39
N LEU D 83 1.45 7.30 3.88
CA LEU D 83 0.91 8.39 3.05
C LEU D 83 1.61 9.70 3.40
N THR D 84 1.87 10.49 2.37
CA THR D 84 2.57 11.78 2.45
C THR D 84 3.78 11.76 3.38
N ASN D 85 4.48 10.62 3.37
CA ASN D 85 5.72 10.42 4.12
C ASN D 85 5.55 10.62 5.62
N GLU D 86 4.31 10.56 6.11
CA GLU D 86 4.03 10.86 7.50
C GLU D 86 3.14 9.81 8.16
N LEU D 87 2.05 9.47 7.48
CA LEU D 87 0.94 8.75 8.11
C LEU D 87 1.09 7.26 7.82
N ASN D 88 1.16 6.45 8.87
CA ASN D 88 1.48 5.04 8.74
C ASN D 88 0.31 4.15 9.08
N PHE D 89 0.09 3.12 8.26
CA PHE D 89 -0.87 2.07 8.52
C PHE D 89 -0.16 0.73 8.44
N ALA D 90 -0.30 -0.11 9.46
CA ALA D 90 0.15 -1.49 9.40
C ALA D 90 -1.13 -2.31 9.44
N LEU D 91 -1.35 -3.10 8.39
CA LEU D 91 -2.64 -3.73 8.13
C LEU D 91 -2.51 -5.23 8.15
N VAL D 92 -3.46 -5.92 8.77
CA VAL D 92 -3.45 -7.36 8.89
C VAL D 92 -4.83 -7.90 8.55
N GLY D 93 -4.85 -8.93 7.70
CA GLY D 93 -6.03 -9.78 7.53
C GLY D 93 -5.69 -11.17 7.98
N SER D 94 -6.71 -11.98 8.21
CA SER D 94 -6.49 -13.33 8.72
C SER D 94 -7.59 -14.27 8.23
N GLU D 95 -7.23 -15.55 8.07
CA GLU D 95 -8.14 -16.57 7.56
C GLU D 95 -8.22 -17.72 8.55
N ASP D 96 -9.44 -18.02 8.98
CA ASP D 96 -9.71 -19.09 9.93
C ASP D 96 -10.34 -20.34 9.30
N GLY D 97 -10.58 -20.32 8.00
CA GLY D 97 -11.31 -21.40 7.37
C GLY D 97 -10.80 -21.69 5.98
N THR D 98 -11.71 -21.80 5.02
CA THR D 98 -11.41 -22.27 3.68
C THR D 98 -11.73 -21.29 2.58
N ASP D 99 -12.52 -20.27 2.88
CA ASP D 99 -12.96 -19.37 1.80
C ASP D 99 -11.92 -18.36 1.35
N ASN D 100 -10.88 -18.15 2.16
CA ASN D 100 -9.81 -17.21 1.82
C ASN D 100 -10.30 -15.78 1.57
N ASP D 101 -11.32 -15.35 2.32
CA ASP D 101 -11.64 -13.91 2.32
C ASP D 101 -10.67 -13.09 3.16
N TYR D 102 -9.93 -13.74 4.07
CA TYR D 102 -8.90 -13.09 4.87
C TYR D 102 -9.40 -11.89 5.68
N ASN D 103 -10.69 -11.87 6.02
CA ASN D 103 -11.26 -10.78 6.80
C ASN D 103 -11.74 -11.24 8.16
N ASP D 104 -11.40 -12.47 8.55
CA ASP D 104 -12.07 -13.10 9.69
C ASP D 104 -11.80 -12.32 10.96
N ALA D 105 -10.53 -11.94 11.13
CA ALA D 105 -10.18 -10.78 11.97
C ALA D 105 -9.35 -9.86 11.10
N VAL D 106 -9.68 -8.56 11.13
CA VAL D 106 -8.92 -7.52 10.43
C VAL D 106 -8.36 -6.64 11.51
N VAL D 107 -7.07 -6.34 11.40
CA VAL D 107 -6.42 -5.51 12.41
C VAL D 107 -5.76 -4.32 11.74
N VAL D 108 -6.04 -3.13 12.25
CA VAL D 108 -5.46 -1.89 11.76
C VAL D 108 -4.60 -1.29 12.86
N ILE D 109 -3.34 -1.02 12.54
CA ILE D 109 -2.42 -0.31 13.42
C ILE D 109 -2.11 1.02 12.73
N ASN D 110 -2.18 2.13 13.47
CA ASN D 110 -1.91 3.44 12.87
C ASN D 110 -1.04 4.27 13.79
N TRP D 111 -0.15 5.05 13.19
CA TRP D 111 0.69 5.97 13.93
C TRP D 111 1.20 7.02 12.93
N PRO D 112 1.68 8.18 13.42
CA PRO D 112 1.68 8.62 14.81
C PRO D 112 0.29 9.04 15.25
N LEU D 113 0.14 9.18 16.57
CA LEU D 113 -1.07 9.66 17.22
C LEU D 113 -0.87 11.07 17.66
N GLY D 114 -1.92 11.70 18.16
CA GLY D 114 -1.79 13.01 18.79
C GLY D 114 -2.03 14.20 17.86
C1 FUC E . -0.75 13.20 -22.77
C2 FUC E . -1.08 12.46 -21.47
C3 FUC E . -2.21 11.48 -21.68
C4 FUC E . -1.91 10.53 -22.79
C5 FUC E . -1.54 11.30 -24.06
C6 FUC E . -1.07 10.36 -25.18
O1 FUC E . -1.94 13.95 -23.14
O2 FUC E . -1.40 13.37 -20.40
O3 FUC E . -2.35 10.76 -20.43
O4 FUC E . -0.83 9.70 -22.33
O5 FUC E . -0.49 12.25 -23.79
CA CA F . -0.75 9.01 -19.98
CA CA G . -2.15 12.08 -18.36
S SO4 H . -4.07 -27.58 8.67
O1 SO4 H . -3.60 -28.98 8.76
O2 SO4 H . -5.21 -27.37 9.56
O3 SO4 H . -3.01 -26.66 8.98
O4 SO4 H . -4.50 -27.33 7.28
C1 YX0 I . 21.63 -14.31 -2.04
C2 YX0 I . 20.44 -13.49 -1.59
C3 YX0 I . 20.91 -12.47 -0.56
C4 YX0 I . 22.04 -11.61 -1.08
C5 YX0 I . 23.16 -12.53 -1.60
C6 YX0 I . 24.28 -11.71 -2.27
O1 YX0 I . 22.11 -15.06 -0.91
O2 YX0 I . 19.39 -14.29 -1.00
O3 YX0 I . 19.78 -11.63 -0.25
O4 YX0 I . 21.46 -10.85 -2.17
O5 YX0 I . 22.68 -13.46 -2.55
O5' YX0 I . 21.49 -19.00 -5.77
C5' YX0 I . 20.91 -19.25 -4.71
C6' YX0 I . 19.83 -20.29 -4.59
C4' YX0 I . 21.27 -18.56 -3.44
C3' YX0 I . 22.15 -17.47 -3.29
C2' YX0 I . 22.18 -17.21 -1.93
C1' YX0 I . 22.95 -16.10 -1.24
O YX0 I . 21.38 -18.04 -1.26
N YX0 I . 20.79 -18.93 -2.22
S SO4 J . 24.84 -5.05 -13.09
O1 SO4 J . 24.95 -4.00 -12.06
O2 SO4 J . 23.89 -4.56 -14.07
O3 SO4 J . 26.16 -5.22 -13.68
O4 SO4 J . 24.43 -6.25 -12.49
CA CA K . 19.16 -9.97 -1.96
CA CA L . 17.60 -12.81 -0.11
C1 YX0 M . -4.05 20.20 15.80
C2 YX0 M . -3.48 19.14 14.83
C3 YX0 M . -2.11 18.73 15.31
C4 YX0 M . -2.16 18.24 16.73
C5 YX0 M . -2.76 19.32 17.64
C6 YX0 M . -2.94 18.88 19.07
O1 YX0 M . -3.22 21.37 15.70
O2 YX0 M . -3.39 19.60 13.47
O3 YX0 M . -1.67 17.68 14.42
O4 YX0 M . -2.94 17.02 16.68
O5 YX0 M . -4.06 19.68 17.13
O5' YX0 M . -9.12 23.28 15.19
C5' YX0 M . -8.31 23.67 14.37
C6' YX0 M . -8.70 24.31 13.07
C4' YX0 M . -6.84 23.53 14.60
C3' YX0 M . -6.23 22.88 15.68
C2' YX0 M . -4.87 23.03 15.47
C1' YX0 M . -3.75 22.49 16.32
O YX0 M . -4.63 23.69 14.33
N YX0 M . -5.89 24.03 13.75
CA CA N . -2.28 18.01 12.02
CA CA O . -2.73 15.48 14.76
C1 YX0 P . -16.01 -18.56 8.65
C2 YX0 P . -15.14 -17.61 7.85
C3 YX0 P . -15.83 -17.21 6.55
C4 YX0 P . -17.18 -16.58 6.85
C5 YX0 P . -18.01 -17.52 7.72
C6 YX0 P . -19.33 -16.91 8.17
O1 YX0 P . -16.21 -19.76 7.87
O2 YX0 P . -13.86 -18.20 7.52
O3 YX0 P . -14.95 -16.27 5.88
O4 YX0 P . -16.86 -15.33 7.52
O5 YX0 P . -17.28 -17.92 8.91
O5' YX0 P . -12.93 -22.15 12.44
C5' YX0 P . -12.97 -22.82 11.41
C6' YX0 P . -12.10 -23.99 11.10
C4' YX0 P . -13.94 -22.45 10.34
C3' YX0 P . -15.00 -21.50 10.39
C2' YX0 P . -15.58 -21.56 9.15
C1' YX0 P . -16.74 -20.75 8.63
O YX0 P . -14.94 -22.43 8.36
N YX0 P . -13.89 -23.03 9.12
CA CA Q . -15.01 -13.98 6.79
CA CA R . -12.58 -16.69 5.98
#